data_6M7V
#
_entry.id   6M7V
#
_cell.length_a   63.075
_cell.length_b   81.387
_cell.length_c   145.006
_cell.angle_alpha   90.00
_cell.angle_beta   90.00
_cell.angle_gamma   90.00
#
_symmetry.space_group_name_H-M   'P 21 21 21'
#
loop_
_entity.id
_entity.type
_entity.pdbx_description
1 polymer 'DNA polymerase eta'
2 polymer "DNA (5'-D(P*GP*TP*GP*TP*GP*AP*GP*T)-3')"
3 polymer "DNA (5'-D(P*(02I)P*CP*TP*CP*AP*CP*AP*CP*T)-3')"
4 non-polymer 'NICKEL (II) ION'
5 non-polymer "2'-deoxy-5'-O-[(R)-hydroxy{[(R)-hydroxy(phosphonooxy)phosphoryl]amino}phosphoryl]adenosine"
6 non-polymer 'MANGANESE (II) ION'
7 water water
#
loop_
_entity_poly.entity_id
_entity_poly.type
_entity_poly.pdbx_seq_one_letter_code
_entity_poly.pdbx_strand_id
1 'polypeptide(L)'
;GPHMATGQDRVVALVDMDCFFVQVEQRQNPHLRNKPCAVVQYKSWKGGGIIAVSYEARAFGVTRSMWADDAKKLCPDLLL
AQVRESRGKANLTKYREASVEVMEIMSRFAVIERASIDEAYVDLTSAVQERLQKLQGQPISADLLPSTYIEGLPQGPTTA
EETVQKEGMRKQGLFQWLDSLQIDNLTSPDLQLTVGAVIVEEMRAAIERETGFQCSAGISHNKVLAKLACGLNKPNRQTL
VSHGSVPQLFSQMPIRKIRSLGGKLGASVIEILGIEYMGELTQFTESQLQSHFGEKNGSWLYAMCRGIEHDPVKPRQLPK
TIGCSKNFPGKTALATREQVQWWLLQLAQELEERLTKDRNDNDRVATQLVVSIRVQGDKRLSSLRRCCALTRYDAHKMSH
DAFTVIKNCNTSGIQTEWSPPLTMLFLCATKFSAS
;
A
2 'polydeoxyribonucleotide' (DG)(DT)(DG)(DT)(DG)(DA)(DG)(DT) P
3 'polydeoxyribonucleotide' (02I)(DC)(DT)(DC)(DA)(DC)(DA)(DC)(DT) T
#
loop_
_chem_comp.id
_chem_comp.type
_chem_comp.name
_chem_comp.formula
02I DNA linking '(6S,7S,8S,10R)-4-amino-8-hydroxy-7,8,9,10-tetrahydro-6H-7,10-epoxyazepino[1,2-e]purin-6-yl dihydrogen phosphate' 'C10 H12 N5 O6 P'
DA DNA linking 2'-DEOXYADENOSINE-5'-MONOPHOSPHATE 'C10 H14 N5 O6 P'
DC DNA linking 2'-DEOXYCYTIDINE-5'-MONOPHOSPHATE 'C9 H14 N3 O7 P'
DG DNA linking 2'-DEOXYGUANOSINE-5'-MONOPHOSPHATE 'C10 H14 N5 O7 P'
DT DNA linking THYMIDINE-5'-MONOPHOSPHATE 'C10 H15 N2 O8 P'
DZ4 non-polymer 2'-deoxy-5'-O-[(R)-hydroxy{[(R)-hydroxy(phosphonooxy)phosphoryl]amino}phosphoryl]adenosine 'C10 H17 N6 O11 P3'
MN non-polymer 'MANGANESE (II) ION' 'Mn 2'
NI non-polymer 'NICKEL (II) ION' 'Ni 2'
#
# COMPACT_ATOMS: atom_id res chain seq x y z
N HIS A 3 -1.15 -29.05 -1.86
CA HIS A 3 -1.45 -28.17 -2.98
C HIS A 3 -2.49 -27.10 -2.61
N MET A 4 -3.69 -27.20 -3.17
CA MET A 4 -4.75 -26.25 -2.84
C MET A 4 -5.37 -26.50 -1.48
N ALA A 5 -5.50 -27.77 -1.06
CA ALA A 5 -6.13 -28.08 0.22
C ALA A 5 -5.46 -27.35 1.38
N THR A 6 -4.14 -27.26 1.36
CA THR A 6 -3.37 -26.59 2.40
C THR A 6 -2.93 -25.18 2.00
N GLY A 7 -3.47 -24.64 0.92
CA GLY A 7 -3.14 -23.32 0.44
C GLY A 7 -1.66 -23.03 0.24
N GLN A 8 -0.96 -23.97 -0.40
CA GLN A 8 0.45 -23.88 -0.73
C GLN A 8 0.67 -24.00 -2.24
N ASP A 9 -0.37 -23.67 -3.01
CA ASP A 9 -0.37 -23.79 -4.46
C ASP A 9 0.40 -22.68 -5.20
N ARG A 10 0.66 -21.54 -4.57
CA ARG A 10 1.35 -20.45 -5.28
C ARG A 10 2.55 -19.95 -4.50
N VAL A 11 3.34 -19.13 -5.19
CA VAL A 11 4.48 -18.44 -4.62
C VAL A 11 4.21 -16.97 -4.88
N VAL A 12 3.99 -16.21 -3.81
CA VAL A 12 3.68 -14.79 -3.92
C VAL A 12 4.71 -14.00 -3.10
N ALA A 13 5.08 -12.84 -3.61
CA ALA A 13 6.03 -11.97 -2.93
C ALA A 13 5.49 -10.55 -2.91
N LEU A 14 5.90 -9.79 -1.89
CA LEU A 14 5.53 -8.39 -1.75
C LEU A 14 6.79 -7.58 -1.56
N VAL A 15 6.98 -6.56 -2.39
CA VAL A 15 8.15 -5.69 -2.29
C VAL A 15 7.70 -4.29 -1.91
N ASP A 16 8.26 -3.77 -0.82
CA ASP A 16 7.93 -2.42 -0.33
C ASP A 16 9.20 -1.65 -0.10
N MET A 17 9.25 -0.45 -0.66
CA MET A 17 10.39 0.43 -0.55
C MET A 17 10.61 0.96 0.87
N ASP A 18 11.87 1.04 1.28
CA ASP A 18 12.20 1.59 2.59
C ASP A 18 12.10 3.11 2.45
N CYS A 19 11.41 3.76 3.41
CA CYS A 19 11.22 5.22 3.41
C CYS A 19 11.30 5.80 2.00
N PHE A 20 10.37 5.35 1.15
CA PHE A 20 10.33 5.71 -0.27
C PHE A 20 10.56 7.19 -0.55
N PHE A 21 9.71 8.06 0.02
CA PHE A 21 9.86 9.49 -0.25
C PHE A 21 11.27 9.98 0.12
N VAL A 22 11.79 9.51 1.25
CA VAL A 22 13.12 9.92 1.68
C VAL A 22 14.15 9.51 0.65
N GLN A 23 14.06 8.27 0.15
CA GLN A 23 15.03 7.81 -0.84
C GLN A 23 14.91 8.58 -2.16
N VAL A 24 13.70 8.98 -2.54
CA VAL A 24 13.53 9.74 -3.78
C VAL A 24 14.23 11.07 -3.63
N GLU A 25 14.16 11.62 -2.41
CA GLU A 25 14.80 12.89 -2.16
C GLU A 25 16.30 12.69 -2.27
N GLN A 26 16.78 11.56 -1.72
CA GLN A 26 18.20 11.27 -1.77
C GLN A 26 18.67 10.99 -3.20
N ARG A 27 17.81 10.51 -4.11
CA ARG A 27 18.31 10.25 -5.45
C ARG A 27 18.50 11.54 -6.22
N GLN A 28 17.56 12.46 -6.07
CA GLN A 28 17.67 13.74 -6.73
C GLN A 28 18.56 14.76 -6.02
N ASN A 29 18.43 14.91 -4.67
CA ASN A 29 19.24 15.86 -3.91
C ASN A 29 20.22 15.07 -3.04
N PRO A 30 21.46 14.90 -3.51
CA PRO A 30 22.49 14.17 -2.75
C PRO A 30 22.81 14.62 -1.33
N HIS A 31 22.78 15.93 -1.08
CA HIS A 31 23.17 16.48 0.22
C HIS A 31 22.40 15.94 1.43
N LEU A 32 21.21 15.38 1.26
CA LEU A 32 20.48 14.84 2.41
C LEU A 32 20.83 13.39 2.72
N ARG A 33 21.57 12.73 1.84
CA ARG A 33 21.94 11.32 1.96
C ARG A 33 22.79 10.99 3.18
N ASN A 34 22.62 9.74 3.62
CA ASN A 34 23.29 9.12 4.77
C ASN A 34 23.31 10.02 5.99
N LYS A 35 22.19 10.68 6.24
CA LYS A 35 22.02 11.56 7.38
C LYS A 35 20.59 11.40 7.89
N PRO A 36 20.38 11.57 9.20
CA PRO A 36 19.02 11.44 9.74
C PRO A 36 18.15 12.54 9.15
N CYS A 37 17.07 12.14 8.48
CA CYS A 37 16.20 13.12 7.87
C CYS A 37 14.75 12.64 7.86
N ALA A 38 13.89 13.56 7.46
CA ALA A 38 12.45 13.34 7.39
C ALA A 38 11.90 14.26 6.31
N VAL A 39 10.62 14.05 5.98
CA VAL A 39 9.94 14.83 4.96
C VAL A 39 8.66 15.36 5.61
N VAL A 40 8.47 16.68 5.58
CA VAL A 40 7.28 17.26 6.17
C VAL A 40 6.35 17.76 5.07
N GLN A 41 5.07 17.85 5.41
CA GLN A 41 4.01 18.26 4.49
C GLN A 41 3.68 19.76 4.48
N TYR A 42 3.14 20.30 5.58
CA TYR A 42 2.72 21.71 5.66
C TYR A 42 3.65 22.49 6.60
N LYS A 43 4.31 23.50 6.05
CA LYS A 43 5.33 24.27 6.78
C LYS A 43 4.92 25.39 7.72
N SER A 44 3.67 25.77 7.87
CA SER A 44 3.55 26.91 8.77
C SER A 44 3.06 26.55 10.16
N TRP A 45 1.99 25.77 10.27
CA TRP A 45 1.48 25.38 11.57
C TRP A 45 2.59 24.98 12.54
N LYS A 46 3.37 23.94 12.18
CA LYS A 46 4.42 23.43 13.06
C LYS A 46 5.56 22.80 12.26
N GLY A 47 5.83 23.31 11.07
CA GLY A 47 6.88 22.77 10.24
C GLY A 47 6.47 21.60 9.36
N GLY A 48 5.24 21.12 9.51
CA GLY A 48 4.68 20.02 8.75
C GLY A 48 4.67 18.65 9.37
N GLY A 49 3.61 17.92 9.04
CA GLY A 49 3.44 16.57 9.51
C GLY A 49 4.48 15.71 8.84
N ILE A 50 4.99 14.75 9.57
CA ILE A 50 6.03 13.88 9.05
C ILE A 50 5.37 12.64 8.49
N ILE A 51 5.71 12.31 7.24
CA ILE A 51 5.16 11.15 6.56
C ILE A 51 6.20 10.08 6.28
N ALA A 52 7.47 10.44 6.05
CA ALA A 52 8.52 9.48 5.77
C ALA A 52 9.75 9.84 6.60
N VAL A 53 10.24 8.88 7.39
CA VAL A 53 11.38 9.07 8.28
C VAL A 53 12.47 8.06 7.93
N SER A 54 13.71 8.54 7.85
CA SER A 54 14.84 7.66 7.58
C SER A 54 15.07 6.75 8.80
N TYR A 55 15.67 5.58 8.55
CA TYR A 55 15.92 4.65 9.65
C TYR A 55 16.91 5.21 10.66
N GLU A 56 17.91 5.98 10.20
CA GLU A 56 18.85 6.57 11.14
C GLU A 56 18.12 7.40 12.19
N ALA A 57 17.11 8.15 11.76
CA ALA A 57 16.35 8.98 12.68
C ALA A 57 15.38 8.18 13.54
N ARG A 58 14.94 7.00 13.08
CA ARG A 58 14.01 6.20 13.87
C ARG A 58 14.65 5.69 15.14
N ALA A 59 15.98 5.59 15.17
CA ALA A 59 16.66 5.13 16.38
C ALA A 59 16.42 6.11 17.53
N PHE A 60 16.30 7.40 17.20
CA PHE A 60 16.07 8.43 18.19
C PHE A 60 14.61 8.51 18.65
N GLY A 61 13.75 7.65 18.13
CA GLY A 61 12.35 7.62 18.52
C GLY A 61 11.39 8.46 17.70
N VAL A 62 11.86 9.10 16.62
CA VAL A 62 10.98 9.93 15.80
C VAL A 62 10.02 9.04 15.01
N THR A 63 8.76 9.47 14.96
CA THR A 63 7.70 8.75 14.26
C THR A 63 6.89 9.74 13.42
N ARG A 64 6.09 9.18 12.51
CA ARG A 64 5.25 9.96 11.64
C ARG A 64 3.99 10.38 12.37
N SER A 65 3.29 11.36 11.81
CA SER A 65 2.05 11.90 12.38
C SER A 65 2.33 12.82 13.58
N MET A 66 3.54 13.39 13.62
CA MET A 66 3.90 14.32 14.68
C MET A 66 4.66 15.50 14.08
N TRP A 67 4.37 16.68 14.63
CA TRP A 67 4.94 17.95 14.17
C TRP A 67 6.47 17.97 14.17
N ALA A 68 7.02 18.57 13.10
CA ALA A 68 8.46 18.67 12.88
C ALA A 68 9.20 19.32 14.05
N ASP A 69 8.66 20.42 14.60
CA ASP A 69 9.34 21.08 15.70
C ASP A 69 9.35 20.19 16.94
N ASP A 70 8.26 19.45 17.16
CA ASP A 70 8.21 18.54 18.28
C ASP A 70 9.18 17.37 18.11
N ALA A 71 9.48 17.00 16.86
CA ALA A 71 10.41 15.92 16.59
C ALA A 71 11.86 16.33 16.82
N LYS A 72 12.21 17.60 16.58
CA LYS A 72 13.57 18.08 16.79
C LYS A 72 14.01 17.90 18.23
N LYS A 73 13.07 17.60 19.14
CA LYS A 73 13.35 17.43 20.56
C LYS A 73 14.43 16.38 20.85
N LEU A 74 14.38 15.23 20.19
CA LEU A 74 15.39 14.19 20.44
C LEU A 74 16.40 13.97 19.32
N CYS A 75 16.30 14.65 18.18
CA CYS A 75 17.26 14.47 17.09
C CYS A 75 17.69 15.82 16.55
N PRO A 76 18.54 16.54 17.28
CA PRO A 76 18.99 17.85 16.79
C PRO A 76 19.63 17.85 15.41
N ASP A 77 20.29 16.76 15.00
CA ASP A 77 20.91 16.76 13.68
C ASP A 77 19.89 16.68 12.54
N LEU A 78 18.66 16.21 12.83
CA LEU A 78 17.58 16.03 11.86
C LEU A 78 17.42 17.15 10.83
N LEU A 79 17.47 16.78 9.55
CA LEU A 79 17.27 17.67 8.40
C LEU A 79 15.84 17.51 7.85
N LEU A 80 15.29 18.58 7.27
CA LEU A 80 13.93 18.58 6.71
C LEU A 80 13.94 18.86 5.22
N ALA A 81 13.05 18.16 4.50
CA ALA A 81 12.79 18.24 3.06
C ALA A 81 11.29 18.41 2.83
N GLN A 82 10.90 19.22 1.84
CA GLN A 82 9.44 19.49 1.69
C GLN A 82 8.86 19.07 0.35
N VAL A 83 7.66 18.50 0.41
CA VAL A 83 6.80 18.11 -0.71
C VAL A 83 6.31 19.36 -1.43
N ARG A 84 6.41 19.43 -2.75
CA ARG A 84 5.86 20.61 -3.42
C ARG A 84 4.33 20.66 -3.21
N GLU A 85 3.76 21.87 -3.17
CA GLU A 85 2.33 22.04 -2.97
C GLU A 85 1.65 22.57 -4.23
N SER A 86 0.45 22.10 -4.53
CA SER A 86 -0.28 22.58 -5.69
C SER A 86 -1.78 22.55 -5.44
N ARG A 87 -2.45 23.65 -5.73
CA ARG A 87 -3.91 23.78 -5.55
C ARG A 87 -4.35 23.31 -4.15
N GLY A 88 -3.60 23.71 -3.14
CA GLY A 88 -3.87 23.40 -1.75
C GLY A 88 -3.66 21.98 -1.29
N LYS A 89 -3.18 21.06 -2.15
CA LYS A 89 -2.94 19.70 -1.68
C LYS A 89 -1.58 19.23 -2.19
N ALA A 90 -1.16 18.07 -1.67
CA ALA A 90 0.14 17.50 -2.02
C ALA A 90 0.24 17.12 -3.50
N ASN A 91 1.47 17.22 -4.02
CA ASN A 91 1.78 16.85 -5.39
C ASN A 91 2.80 15.72 -5.31
N LEU A 92 2.43 14.53 -5.77
CA LEU A 92 3.29 13.34 -5.68
C LEU A 92 3.82 12.87 -7.03
N THR A 93 3.76 13.70 -8.06
CA THR A 93 4.24 13.29 -9.39
C THR A 93 5.65 12.70 -9.34
N LYS A 94 6.56 13.34 -8.60
CA LYS A 94 7.94 12.85 -8.50
C LYS A 94 7.98 11.42 -7.98
N TYR A 95 7.24 11.17 -6.91
CA TYR A 95 7.21 9.85 -6.32
C TYR A 95 6.51 8.85 -7.22
N ARG A 96 5.35 9.22 -7.79
CA ARG A 96 4.66 8.31 -8.69
C ARG A 96 5.56 7.91 -9.86
N GLU A 97 6.32 8.85 -10.41
CA GLU A 97 7.21 8.54 -11.52
C GLU A 97 8.34 7.62 -11.08
N ALA A 98 8.83 7.80 -9.84
CA ALA A 98 9.89 6.89 -9.39
C ALA A 98 9.30 5.51 -9.17
N SER A 99 8.06 5.48 -8.68
CA SER A 99 7.35 4.23 -8.48
C SER A 99 7.26 3.49 -9.80
N VAL A 100 6.84 4.21 -10.86
CA VAL A 100 6.75 3.62 -12.20
C VAL A 100 8.10 3.05 -12.62
N GLU A 101 9.18 3.78 -12.31
CA GLU A 101 10.52 3.30 -12.66
C GLU A 101 10.75 1.92 -12.06
N VAL A 102 10.53 1.82 -10.75
CA VAL A 102 10.73 0.55 -10.04
C VAL A 102 9.80 -0.52 -10.60
N MET A 103 8.53 -0.18 -10.82
CA MET A 103 7.58 -1.16 -11.32
C MET A 103 8.05 -1.71 -12.66
N GLU A 104 8.52 -0.83 -13.56
CA GLU A 104 9.01 -1.27 -14.85
C GLU A 104 10.19 -2.22 -14.70
N ILE A 105 11.08 -1.96 -13.74
CA ILE A 105 12.21 -2.87 -13.58
C ILE A 105 11.73 -4.23 -13.06
N MET A 106 10.77 -4.24 -12.11
CA MET A 106 10.24 -5.49 -11.57
C MET A 106 9.45 -6.29 -12.61
N SER A 107 8.69 -5.60 -13.48
CA SER A 107 7.88 -6.26 -14.49
C SER A 107 8.70 -7.17 -15.40
N ARG A 108 10.03 -6.98 -15.43
CA ARG A 108 10.87 -7.80 -16.27
C ARG A 108 10.98 -9.23 -15.73
N PHE A 109 10.97 -9.41 -14.40
CA PHE A 109 11.08 -10.75 -13.84
C PHE A 109 9.75 -11.49 -13.79
N ALA A 110 8.63 -10.77 -13.64
CA ALA A 110 7.29 -11.35 -13.57
C ALA A 110 6.27 -10.22 -13.58
N VAL A 111 5.02 -10.57 -13.88
CA VAL A 111 3.95 -9.57 -13.88
C VAL A 111 3.65 -9.18 -12.44
N ILE A 112 3.32 -7.91 -12.22
CA ILE A 112 3.09 -7.40 -10.88
C ILE A 112 1.69 -6.80 -10.71
N GLU A 113 1.33 -6.60 -9.45
CA GLU A 113 0.11 -5.95 -8.98
C GLU A 113 0.52 -4.76 -8.12
N ARG A 114 0.43 -3.55 -8.65
CA ARG A 114 0.78 -2.38 -7.84
C ARG A 114 -0.24 -2.26 -6.70
N ALA A 115 0.25 -2.30 -5.45
CA ALA A 115 -0.64 -2.22 -4.30
C ALA A 115 -0.63 -0.86 -3.62
N SER A 116 0.34 -0.02 -3.90
CA SER A 116 0.42 1.32 -3.32
C SER A 116 1.52 2.06 -4.07
N ILE A 117 1.78 3.30 -3.64
CA ILE A 117 2.80 4.10 -4.28
C ILE A 117 4.19 3.50 -4.13
N ASP A 118 4.43 2.67 -3.11
CA ASP A 118 5.77 2.12 -2.92
C ASP A 118 5.82 0.59 -2.75
N GLU A 119 4.77 -0.14 -3.13
CA GLU A 119 4.86 -1.58 -2.96
C GLU A 119 4.04 -2.28 -4.04
N ALA A 120 4.46 -3.51 -4.37
CA ALA A 120 3.77 -4.29 -5.38
C ALA A 120 3.97 -5.78 -5.14
N TYR A 121 2.93 -6.54 -5.48
CA TYR A 121 2.94 -7.98 -5.35
C TYR A 121 3.44 -8.61 -6.66
N VAL A 122 4.07 -9.77 -6.54
CA VAL A 122 4.61 -10.53 -7.66
C VAL A 122 4.25 -12.01 -7.51
N ASP A 123 3.73 -12.60 -8.59
CA ASP A 123 3.43 -14.03 -8.62
C ASP A 123 4.56 -14.72 -9.38
N LEU A 124 5.42 -15.42 -8.64
CA LEU A 124 6.59 -16.07 -9.19
C LEU A 124 6.41 -17.55 -9.48
N THR A 125 5.20 -18.09 -9.37
CA THR A 125 4.99 -19.52 -9.60
C THR A 125 5.64 -20.01 -10.90
N SER A 126 5.34 -19.35 -12.02
CA SER A 126 5.93 -19.75 -13.29
C SER A 126 7.45 -19.61 -13.26
N ALA A 127 7.93 -18.44 -12.81
CA ALA A 127 9.37 -18.23 -12.74
C ALA A 127 10.03 -19.27 -11.85
N VAL A 128 9.33 -19.70 -10.79
CA VAL A 128 9.90 -20.71 -9.90
C VAL A 128 10.02 -22.05 -10.62
N GLN A 129 9.01 -22.40 -11.44
CA GLN A 129 9.11 -23.65 -12.19
C GLN A 129 10.29 -23.60 -13.14
N GLU A 130 10.37 -22.53 -13.95
CA GLU A 130 11.48 -22.39 -14.87
C GLU A 130 12.83 -22.49 -14.15
N ARG A 131 12.94 -21.84 -12.99
CA ARG A 131 14.18 -21.87 -12.23
C ARG A 131 14.48 -23.27 -11.66
N LEU A 132 13.44 -24.04 -11.33
CA LEU A 132 13.70 -25.38 -10.80
C LEU A 132 14.18 -26.29 -11.91
N GLN A 133 13.74 -26.01 -13.13
CA GLN A 133 14.18 -26.79 -14.28
C GLN A 133 15.63 -26.47 -14.59
N LYS A 134 15.91 -25.17 -14.80
CA LYS A 134 17.25 -24.71 -15.14
C LYS A 134 18.29 -25.04 -14.07
N LEU A 135 17.89 -25.11 -12.79
CA LEU A 135 18.84 -25.44 -11.74
C LEU A 135 19.41 -26.84 -11.92
N GLN A 136 18.56 -27.78 -12.33
CA GLN A 136 18.92 -29.18 -12.60
C GLN A 136 19.39 -29.94 -11.35
N GLY A 137 18.69 -29.75 -10.23
CA GLY A 137 19.03 -30.50 -9.02
C GLY A 137 20.20 -30.00 -8.20
N GLN A 138 20.89 -28.94 -8.62
CA GLN A 138 22.00 -28.45 -7.84
C GLN A 138 21.49 -27.86 -6.52
N PRO A 139 22.20 -28.06 -5.41
CA PRO A 139 21.75 -27.49 -4.14
C PRO A 139 21.78 -25.97 -4.18
N ILE A 140 21.08 -25.37 -3.23
CA ILE A 140 20.99 -23.92 -3.12
C ILE A 140 21.89 -23.50 -1.95
N SER A 141 23.01 -22.86 -2.27
CA SER A 141 23.95 -22.41 -1.26
C SER A 141 23.51 -21.08 -0.67
N ALA A 142 23.91 -20.84 0.56
CA ALA A 142 23.47 -19.67 1.36
C ALA A 142 23.91 -18.37 0.73
N ASP A 143 24.88 -18.46 -0.19
CA ASP A 143 25.51 -17.30 -0.84
C ASP A 143 24.56 -16.70 -1.87
N LEU A 144 23.53 -17.45 -2.21
CA LEU A 144 22.48 -17.06 -3.18
C LEU A 144 21.41 -16.21 -2.49
N LEU A 145 21.46 -16.20 -1.16
CA LEU A 145 20.55 -15.51 -0.24
C LEU A 145 21.36 -14.73 0.78
N PRO A 146 22.06 -13.65 0.42
CA PRO A 146 22.83 -12.83 1.36
C PRO A 146 22.01 -12.02 2.36
N SER A 147 20.76 -11.68 2.04
CA SER A 147 19.92 -10.86 2.92
C SER A 147 18.59 -11.50 3.28
N THR A 148 18.50 -12.83 3.25
CA THR A 148 17.25 -13.52 3.55
C THR A 148 17.19 -14.00 4.98
N TYR A 149 16.03 -13.80 5.61
CA TYR A 149 15.73 -14.24 6.96
C TYR A 149 14.63 -15.30 6.92
N ILE A 150 14.78 -16.35 7.70
CA ILE A 150 13.78 -17.41 7.80
C ILE A 150 13.02 -17.21 9.09
N GLU A 151 11.76 -16.80 8.97
CA GLU A 151 10.91 -16.56 10.15
C GLU A 151 10.72 -17.81 10.98
N GLY A 152 10.95 -17.70 12.29
CA GLY A 152 10.79 -18.80 13.21
C GLY A 152 12.06 -19.52 13.59
N LEU A 153 13.15 -19.29 12.88
CA LEU A 153 14.43 -19.92 13.14
C LEU A 153 15.48 -18.85 13.41
N PRO A 154 16.58 -19.19 14.09
CA PRO A 154 16.99 -20.45 14.72
C PRO A 154 16.31 -20.69 16.07
N GLN A 155 16.40 -21.92 16.59
CA GLN A 155 15.87 -22.26 17.90
C GLN A 155 16.83 -23.23 18.58
N GLY A 156 17.44 -22.81 19.68
CA GLY A 156 18.39 -23.64 20.40
C GLY A 156 19.84 -23.36 20.07
N LYS A 166 23.93 -9.87 14.78
CA LYS A 166 22.61 -10.20 14.24
C LYS A 166 22.73 -10.93 12.91
N GLU A 167 23.80 -10.64 12.18
CA GLU A 167 24.01 -11.29 10.88
C GLU A 167 24.30 -12.77 11.10
N GLY A 168 24.88 -13.10 12.25
CA GLY A 168 25.17 -14.49 12.56
C GLY A 168 23.88 -15.26 12.76
N MET A 169 22.91 -14.66 13.46
CA MET A 169 21.64 -15.34 13.67
C MET A 169 20.98 -15.62 12.33
N ARG A 170 21.02 -14.64 11.43
CA ARG A 170 20.43 -14.79 10.10
C ARG A 170 21.05 -15.96 9.38
N LYS A 171 22.39 -16.04 9.40
CA LYS A 171 23.07 -17.14 8.72
C LYS A 171 22.80 -18.48 9.37
N GLN A 172 22.69 -18.52 10.70
CA GLN A 172 22.40 -19.78 11.37
C GLN A 172 21.00 -20.29 10.99
N GLY A 173 20.02 -19.38 11.01
CA GLY A 173 18.67 -19.78 10.62
C GLY A 173 18.62 -20.25 9.19
N LEU A 174 19.36 -19.56 8.31
CA LEU A 174 19.39 -19.94 6.90
C LEU A 174 20.02 -21.32 6.73
N PHE A 175 21.06 -21.62 7.52
CA PHE A 175 21.70 -22.92 7.42
C PHE A 175 20.76 -24.02 7.90
N GLN A 176 20.04 -23.77 9.00
CA GLN A 176 19.12 -24.81 9.46
C GLN A 176 17.99 -25.05 8.47
N TRP A 177 17.50 -23.98 7.83
CA TRP A 177 16.45 -24.12 6.83
C TRP A 177 16.94 -24.93 5.63
N LEU A 178 18.07 -24.52 5.05
CA LEU A 178 18.62 -25.17 3.87
C LEU A 178 19.04 -26.62 4.12
N ASP A 179 19.56 -26.94 5.30
CA ASP A 179 20.00 -28.32 5.51
C ASP A 179 18.89 -29.35 5.57
N SER A 180 17.64 -28.97 5.82
CA SER A 180 16.56 -29.95 5.87
C SER A 180 15.62 -29.92 4.68
N LEU A 181 15.84 -29.06 3.69
CA LEU A 181 14.93 -29.01 2.56
C LEU A 181 14.99 -30.23 1.65
N GLN A 182 13.83 -30.59 1.10
CA GLN A 182 13.77 -31.69 0.15
C GLN A 182 14.54 -31.25 -1.09
N ILE A 183 15.22 -32.19 -1.73
CA ILE A 183 16.01 -31.93 -2.91
C ILE A 183 15.35 -32.48 -4.17
N ASP A 184 14.77 -33.67 -4.07
CA ASP A 184 14.18 -34.40 -5.19
C ASP A 184 12.71 -34.09 -5.41
N ASN A 185 11.96 -33.79 -4.37
CA ASN A 185 10.54 -33.52 -4.53
C ASN A 185 10.44 -32.08 -5.03
N LEU A 186 10.35 -31.94 -6.36
CA LEU A 186 10.29 -30.64 -7.01
C LEU A 186 9.00 -29.87 -6.74
N THR A 187 7.98 -30.53 -6.21
CA THR A 187 6.72 -29.87 -5.91
C THR A 187 6.64 -29.52 -4.42
N SER A 188 7.74 -29.67 -3.69
CA SER A 188 7.78 -29.35 -2.28
C SER A 188 7.56 -27.87 -2.06
N PRO A 189 6.48 -27.48 -1.36
CA PRO A 189 6.22 -26.04 -1.11
C PRO A 189 7.43 -25.26 -0.65
N ASP A 190 8.14 -25.77 0.35
CA ASP A 190 9.33 -25.11 0.90
C ASP A 190 10.39 -24.89 -0.18
N LEU A 191 10.58 -25.86 -1.08
CA LEU A 191 11.57 -25.66 -2.14
C LEU A 191 11.14 -24.53 -3.07
N GLN A 192 9.85 -24.49 -3.40
CA GLN A 192 9.36 -23.43 -4.26
C GLN A 192 9.58 -22.07 -3.61
N LEU A 193 9.35 -21.96 -2.30
CA LEU A 193 9.57 -20.70 -1.62
C LEU A 193 11.06 -20.34 -1.65
N THR A 194 11.93 -21.31 -1.40
CA THR A 194 13.37 -21.03 -1.41
C THR A 194 13.81 -20.50 -2.77
N VAL A 195 13.33 -21.12 -3.85
CA VAL A 195 13.69 -20.64 -5.18
C VAL A 195 13.08 -19.26 -5.40
N GLY A 196 11.87 -19.03 -4.89
CA GLY A 196 11.26 -17.73 -5.04
C GLY A 196 12.08 -16.66 -4.35
N ALA A 197 12.69 -17.02 -3.22
CA ALA A 197 13.50 -16.05 -2.51
C ALA A 197 14.76 -15.77 -3.30
N VAL A 198 15.28 -16.78 -4.00
CA VAL A 198 16.46 -16.58 -4.83
C VAL A 198 16.16 -15.57 -5.93
N ILE A 199 15.04 -15.79 -6.63
CA ILE A 199 14.62 -14.88 -7.69
C ILE A 199 14.40 -13.47 -7.14
N VAL A 200 13.86 -13.37 -5.92
CA VAL A 200 13.64 -12.04 -5.34
C VAL A 200 14.98 -11.39 -5.00
N GLU A 201 15.98 -12.19 -4.62
CA GLU A 201 17.28 -11.62 -4.33
C GLU A 201 17.86 -11.00 -5.59
N GLU A 202 17.63 -11.67 -6.73
CA GLU A 202 18.12 -11.13 -7.99
C GLU A 202 17.35 -9.87 -8.36
N MET A 203 16.03 -9.91 -8.22
CA MET A 203 15.19 -8.76 -8.51
C MET A 203 15.63 -7.53 -7.72
N ARG A 204 15.82 -7.69 -6.40
CA ARG A 204 16.23 -6.55 -5.58
C ARG A 204 17.63 -6.08 -5.94
N ALA A 205 18.52 -7.00 -6.31
CA ALA A 205 19.86 -6.56 -6.68
C ALA A 205 19.79 -5.70 -7.93
N ALA A 206 18.96 -6.12 -8.89
CA ALA A 206 18.79 -5.36 -10.13
C ALA A 206 18.20 -3.98 -9.84
N ILE A 207 17.16 -3.95 -9.00
CA ILE A 207 16.51 -2.69 -8.64
C ILE A 207 17.52 -1.70 -8.06
N GLU A 208 18.37 -2.18 -7.15
CA GLU A 208 19.37 -1.28 -6.57
C GLU A 208 20.40 -0.85 -7.61
N ARG A 209 20.92 -1.80 -8.38
CA ARG A 209 21.91 -1.51 -9.40
C ARG A 209 21.45 -0.43 -10.39
N GLU A 210 20.20 -0.50 -10.86
CA GLU A 210 19.74 0.47 -11.84
C GLU A 210 19.13 1.74 -11.24
N THR A 211 18.71 1.75 -9.98
CA THR A 211 18.09 2.94 -9.40
C THR A 211 18.70 3.42 -8.08
N GLY A 212 19.45 2.59 -7.36
CA GLY A 212 20.01 3.01 -6.09
C GLY A 212 19.11 2.87 -4.87
N PHE A 213 17.83 2.55 -5.06
CA PHE A 213 16.88 2.39 -3.97
C PHE A 213 17.01 1.04 -3.27
N GLN A 214 16.72 1.06 -1.96
CA GLN A 214 16.73 -0.14 -1.14
C GLN A 214 15.29 -0.46 -0.79
N CYS A 215 15.03 -1.72 -0.42
CA CYS A 215 13.67 -2.10 -0.09
C CYS A 215 13.67 -3.41 0.68
N SER A 216 12.47 -3.83 1.07
CA SER A 216 12.27 -5.07 1.78
C SER A 216 11.25 -5.88 1.00
N ALA A 217 11.20 -7.16 1.32
CA ALA A 217 10.27 -8.05 0.65
C ALA A 217 9.85 -9.16 1.60
N GLY A 218 8.71 -9.75 1.25
CA GLY A 218 8.14 -10.87 1.96
C GLY A 218 7.86 -11.96 0.93
N ILE A 219 8.12 -13.22 1.26
CA ILE A 219 7.87 -14.32 0.33
C ILE A 219 7.02 -15.34 1.06
N SER A 220 5.88 -15.69 0.47
CA SER A 220 5.03 -16.70 1.13
C SER A 220 4.01 -17.11 0.08
N HIS A 221 3.08 -17.97 0.49
CA HIS A 221 2.03 -18.49 -0.37
C HIS A 221 0.84 -17.58 -0.71
N ASN A 222 0.68 -16.44 -0.03
CA ASN A 222 -0.45 -15.58 -0.34
C ASN A 222 -0.11 -14.13 -0.01
N LYS A 223 -0.98 -13.24 -0.49
CA LYS A 223 -0.77 -11.82 -0.30
C LYS A 223 -0.68 -11.43 1.18
N VAL A 224 -1.58 -11.98 2.00
CA VAL A 224 -1.59 -11.64 3.43
C VAL A 224 -0.26 -11.98 4.10
N LEU A 225 0.23 -13.20 3.88
CA LEU A 225 1.48 -13.60 4.52
C LEU A 225 2.66 -12.87 3.92
N ALA A 226 2.64 -12.60 2.61
CA ALA A 226 3.75 -11.87 2.01
C ALA A 226 3.84 -10.47 2.62
N LYS A 227 2.70 -9.79 2.76
CA LYS A 227 2.72 -8.46 3.34
C LYS A 227 3.20 -8.51 4.79
N LEU A 228 2.61 -9.40 5.59
CA LEU A 228 3.03 -9.51 6.98
CA LEU A 228 3.03 -9.50 6.99
C LEU A 228 4.52 -9.76 7.09
N ALA A 229 5.07 -10.57 6.17
CA ALA A 229 6.48 -10.95 6.22
C ALA A 229 7.39 -9.83 5.80
N CYS A 230 6.95 -8.98 4.87
CA CYS A 230 7.81 -7.91 4.40
C CYS A 230 8.24 -6.98 5.52
N GLY A 231 7.35 -6.63 6.41
CA GLY A 231 7.77 -5.67 7.44
C GLY A 231 8.39 -6.35 8.64
N LEU A 232 8.60 -7.65 8.62
CA LEU A 232 9.12 -8.36 9.80
C LEU A 232 10.55 -7.97 10.19
N ASN A 233 11.43 -7.87 9.20
CA ASN A 233 12.87 -7.51 9.32
C ASN A 233 13.05 -6.28 8.46
N LYS A 234 12.86 -5.10 9.02
CA LYS A 234 12.57 -3.91 8.23
C LYS A 234 13.50 -3.34 7.19
N PRO A 235 14.78 -2.98 7.40
CA PRO A 235 15.53 -2.29 6.37
C PRO A 235 16.44 -3.10 5.46
N ASN A 236 16.11 -3.11 4.18
CA ASN A 236 16.90 -3.78 3.12
C ASN A 236 17.11 -5.24 3.49
N ARG A 237 16.07 -5.91 4.00
CA ARG A 237 16.14 -7.34 4.38
C ARG A 237 14.90 -8.05 3.82
N GLN A 238 14.94 -9.38 3.68
CA GLN A 238 13.75 -10.06 3.12
C GLN A 238 13.39 -11.24 4.01
N THR A 239 12.10 -11.52 4.22
CA THR A 239 11.70 -12.60 5.10
C THR A 239 10.89 -13.64 4.34
N LEU A 240 11.24 -14.91 4.54
CA LEU A 240 10.58 -16.04 3.92
C LEU A 240 9.68 -16.64 5.00
N VAL A 241 8.38 -16.76 4.72
CA VAL A 241 7.43 -17.32 5.68
C VAL A 241 6.83 -18.60 5.13
N SER A 242 7.20 -19.73 5.73
CA SER A 242 6.72 -21.04 5.33
C SER A 242 5.40 -21.36 6.03
N HIS A 243 4.68 -22.35 5.50
CA HIS A 243 3.41 -22.73 6.09
C HIS A 243 3.59 -23.22 7.53
N GLY A 244 4.68 -23.94 7.80
CA GLY A 244 4.92 -24.43 9.15
C GLY A 244 5.22 -23.36 10.17
N SER A 245 5.68 -22.19 9.72
CA SER A 245 6.01 -21.10 10.62
C SER A 245 4.81 -20.22 10.95
N VAL A 246 3.71 -20.40 10.24
CA VAL A 246 2.52 -19.58 10.45
C VAL A 246 2.00 -19.61 11.91
N PRO A 247 1.84 -20.80 12.52
CA PRO A 247 1.32 -20.79 13.92
C PRO A 247 2.08 -19.91 14.90
N GLN A 248 3.40 -20.01 14.92
CA GLN A 248 4.19 -19.18 15.84
C GLN A 248 4.02 -17.71 15.49
N LEU A 249 4.12 -17.38 14.19
CA LEU A 249 3.98 -16.00 13.76
C LEU A 249 2.60 -15.45 14.11
N PHE A 250 1.57 -16.28 14.10
CA PHE A 250 0.22 -15.79 14.41
C PHE A 250 -0.05 -15.78 15.90
N SER A 251 0.76 -16.49 16.70
CA SER A 251 0.53 -16.57 18.14
C SER A 251 0.35 -15.21 18.80
N GLN A 252 1.07 -14.19 18.32
CA GLN A 252 0.96 -12.86 18.91
C GLN A 252 0.79 -11.78 17.85
N MET A 253 0.07 -12.10 16.76
CA MET A 253 -0.16 -11.14 15.69
C MET A 253 -1.51 -10.46 15.90
N PRO A 254 -1.56 -9.14 16.10
CA PRO A 254 -2.84 -8.46 16.29
C PRO A 254 -3.80 -8.69 15.13
N ILE A 255 -5.05 -9.03 15.46
CA ILE A 255 -6.07 -9.27 14.45
C ILE A 255 -6.16 -8.12 13.46
N ARG A 256 -6.15 -6.88 13.95
CA ARG A 256 -6.25 -5.75 13.04
C ARG A 256 -5.03 -5.56 12.18
N LYS A 257 -4.01 -6.40 12.32
CA LYS A 257 -2.83 -6.28 11.49
C LYS A 257 -2.94 -7.13 10.24
N ILE A 258 -3.98 -7.94 10.13
CA ILE A 258 -4.14 -8.79 8.97
C ILE A 258 -4.87 -8.01 7.90
N ARG A 259 -4.36 -8.08 6.67
CA ARG A 259 -4.96 -7.43 5.53
C ARG A 259 -6.45 -7.78 5.45
N SER A 260 -7.30 -6.76 5.38
CA SER A 260 -8.78 -6.82 5.30
C SER A 260 -9.47 -6.99 6.65
N LEU A 261 -8.75 -7.11 7.76
CA LEU A 261 -9.38 -7.24 9.08
C LEU A 261 -9.12 -6.03 9.96
N GLY A 262 -8.65 -4.93 9.39
CA GLY A 262 -8.34 -3.71 10.10
C GLY A 262 -9.52 -2.82 10.44
N GLY A 263 -10.71 -3.14 9.94
CA GLY A 263 -11.86 -2.30 10.21
C GLY A 263 -12.95 -2.84 11.10
N LYS A 264 -14.21 -2.73 10.65
CA LYS A 264 -15.34 -3.17 11.47
C LYS A 264 -15.37 -4.68 11.64
N LEU A 265 -15.12 -5.43 10.57
CA LEU A 265 -15.12 -6.89 10.69
C LEU A 265 -14.11 -7.35 11.75
N GLY A 266 -12.87 -6.86 11.66
CA GLY A 266 -11.87 -7.24 12.65
C GLY A 266 -12.29 -6.87 14.06
N ALA A 267 -12.80 -5.65 14.24
CA ALA A 267 -13.25 -5.23 15.57
C ALA A 267 -14.36 -6.12 16.09
N SER A 268 -15.29 -6.51 15.20
CA SER A 268 -16.38 -7.40 15.60
C SER A 268 -15.82 -8.75 16.04
N VAL A 269 -14.81 -9.24 15.33
CA VAL A 269 -14.20 -10.52 15.70
C VAL A 269 -13.61 -10.42 17.10
N ILE A 270 -12.87 -9.35 17.35
CA ILE A 270 -12.28 -9.14 18.67
C ILE A 270 -13.37 -9.09 19.74
N GLU A 271 -14.39 -8.27 19.53
CA GLU A 271 -15.48 -8.07 20.49
C GLU A 271 -16.34 -9.31 20.70
N ILE A 272 -16.73 -9.99 19.62
CA ILE A 272 -17.63 -11.13 19.77
C ILE A 272 -16.92 -12.37 20.32
N LEU A 273 -15.66 -12.59 19.97
CA LEU A 273 -15.03 -13.80 20.50
C LEU A 273 -14.18 -13.53 21.72
N GLY A 274 -13.93 -12.27 22.05
CA GLY A 274 -13.12 -11.95 23.21
C GLY A 274 -11.70 -12.47 23.06
N ILE A 275 -11.07 -12.12 21.94
CA ILE A 275 -9.69 -12.51 21.67
C ILE A 275 -8.99 -11.31 21.08
N GLU A 276 -7.67 -11.34 21.13
CA GLU A 276 -6.87 -10.24 20.59
C GLU A 276 -5.92 -10.65 19.48
N TYR A 277 -5.44 -11.89 19.45
CA TYR A 277 -4.47 -12.34 18.48
C TYR A 277 -5.04 -13.35 17.49
N MET A 278 -4.54 -13.25 16.26
CA MET A 278 -4.96 -14.13 15.15
C MET A 278 -4.90 -15.61 15.53
N GLY A 279 -3.81 -16.03 16.15
CA GLY A 279 -3.62 -17.42 16.52
C GLY A 279 -4.71 -18.03 17.38
N GLU A 280 -5.47 -17.21 18.09
CA GLU A 280 -6.54 -17.76 18.91
C GLU A 280 -7.73 -18.23 18.08
N LEU A 281 -7.89 -17.75 16.84
CA LEU A 281 -9.00 -18.23 16.02
C LEU A 281 -8.89 -19.71 15.66
N THR A 282 -7.68 -20.27 15.69
CA THR A 282 -7.48 -21.67 15.35
C THR A 282 -8.31 -22.60 16.22
N GLN A 283 -8.62 -22.19 17.45
CA GLN A 283 -9.36 -23.05 18.36
C GLN A 283 -10.87 -23.13 18.06
N PHE A 284 -11.41 -22.27 17.20
CA PHE A 284 -12.83 -22.31 16.91
C PHE A 284 -13.09 -23.18 15.69
N THR A 285 -14.23 -23.85 15.67
CA THR A 285 -14.59 -24.69 14.53
C THR A 285 -15.15 -23.84 13.39
N GLU A 286 -15.08 -24.39 12.17
CA GLU A 286 -15.59 -23.68 11.01
C GLU A 286 -17.07 -23.35 11.17
N SER A 287 -17.86 -24.28 11.70
CA SER A 287 -19.28 -24.01 11.90
C SER A 287 -19.48 -22.87 12.89
N GLN A 288 -18.66 -22.82 13.94
CA GLN A 288 -18.73 -21.72 14.91
C GLN A 288 -18.46 -20.38 14.22
N LEU A 289 -17.43 -20.32 13.38
CA LEU A 289 -17.11 -19.08 12.70
C LEU A 289 -18.22 -18.69 11.73
N GLN A 290 -18.87 -19.67 11.09
CA GLN A 290 -19.93 -19.33 10.16
C GLN A 290 -21.19 -18.90 10.92
N SER A 291 -21.44 -19.50 12.08
CA SER A 291 -22.62 -19.16 12.85
C SER A 291 -22.54 -17.78 13.47
N HIS A 292 -21.35 -17.19 13.55
CA HIS A 292 -21.18 -15.87 14.15
C HIS A 292 -20.88 -14.77 13.14
N PHE A 293 -20.27 -15.10 12.01
CA PHE A 293 -19.89 -14.08 11.04
C PHE A 293 -20.45 -14.28 9.64
N GLY A 294 -21.19 -15.35 9.41
CA GLY A 294 -21.76 -15.62 8.10
C GLY A 294 -20.95 -16.66 7.37
N GLU A 295 -21.59 -17.30 6.39
CA GLU A 295 -20.92 -18.34 5.61
C GLU A 295 -19.60 -17.88 5.00
N LYS A 296 -19.64 -16.78 4.26
CA LYS A 296 -18.43 -16.30 3.57
C LYS A 296 -17.34 -15.84 4.53
N ASN A 297 -17.65 -14.97 5.48
CA ASN A 297 -16.60 -14.53 6.38
C ASN A 297 -16.15 -15.63 7.31
N GLY A 298 -17.06 -16.53 7.67
CA GLY A 298 -16.68 -17.65 8.52
C GLY A 298 -15.68 -18.56 7.84
N SER A 299 -15.94 -18.89 6.58
CA SER A 299 -15.00 -19.76 5.88
C SER A 299 -13.68 -19.04 5.65
N TRP A 300 -13.75 -17.75 5.33
CA TRP A 300 -12.53 -17.00 5.10
C TRP A 300 -11.68 -16.97 6.37
N LEU A 301 -12.30 -16.70 7.52
CA LEU A 301 -11.54 -16.65 8.75
C LEU A 301 -10.97 -18.03 9.10
N TYR A 302 -11.78 -19.07 8.92
CA TYR A 302 -11.32 -20.42 9.22
C TYR A 302 -10.06 -20.76 8.44
N ALA A 303 -10.04 -20.43 7.15
CA ALA A 303 -8.85 -20.76 6.38
C ALA A 303 -7.71 -19.79 6.65
N MET A 304 -8.01 -18.51 6.84
CA MET A 304 -6.97 -17.51 7.05
C MET A 304 -6.19 -17.72 8.34
N CYS A 305 -6.86 -18.14 9.42
CA CYS A 305 -6.09 -18.33 10.64
C CYS A 305 -5.14 -19.52 10.55
N ARG A 306 -5.25 -20.31 9.48
CA ARG A 306 -4.38 -21.44 9.23
C ARG A 306 -3.40 -21.16 8.10
N GLY A 307 -3.24 -19.89 7.71
CA GLY A 307 -2.33 -19.52 6.65
C GLY A 307 -2.81 -19.73 5.24
N ILE A 308 -4.11 -19.97 5.04
CA ILE A 308 -4.69 -20.26 3.73
C ILE A 308 -5.49 -19.06 3.26
N GLU A 309 -5.20 -18.59 2.05
CA GLU A 309 -5.89 -17.45 1.45
C GLU A 309 -5.76 -17.61 -0.06
N HIS A 310 -6.83 -17.28 -0.81
CA HIS A 310 -6.81 -17.49 -2.25
C HIS A 310 -6.91 -16.25 -3.14
N ASP A 311 -6.93 -15.03 -2.67
CA ASP A 311 -7.08 -13.97 -3.69
C ASP A 311 -5.89 -14.05 -4.61
N PRO A 312 -6.05 -14.26 -5.94
CA PRO A 312 -4.90 -14.34 -6.85
C PRO A 312 -4.29 -12.96 -7.10
N VAL A 313 -3.00 -12.89 -7.48
CA VAL A 313 -2.37 -11.58 -7.72
C VAL A 313 -2.88 -11.21 -9.10
N LYS A 314 -3.92 -10.38 -9.17
CA LYS A 314 -4.52 -9.98 -10.47
C LYS A 314 -3.54 -9.10 -11.22
N PRO A 315 -3.57 -9.13 -12.56
CA PRO A 315 -2.61 -8.48 -13.44
C PRO A 315 -2.74 -6.98 -13.63
N ARG A 316 -1.79 -6.39 -14.33
CA ARG A 316 -1.76 -4.92 -14.56
C ARG A 316 -3.09 -4.51 -15.19
N GLN A 317 -3.68 -3.45 -14.68
CA GLN A 317 -4.98 -3.00 -15.20
C GLN A 317 -5.02 -1.47 -15.33
N LEU A 318 -5.88 -1.03 -16.23
CA LEU A 318 -6.23 0.33 -16.60
C LEU A 318 -7.22 0.83 -15.55
N PRO A 319 -7.08 2.05 -15.06
CA PRO A 319 -8.05 2.47 -14.03
C PRO A 319 -9.44 2.60 -14.60
N LYS A 320 -10.42 2.29 -13.75
CA LYS A 320 -11.82 2.37 -14.11
C LYS A 320 -12.41 3.74 -13.88
N THR A 321 -11.73 4.57 -13.10
CA THR A 321 -12.14 5.93 -12.77
C THR A 321 -10.90 6.76 -12.52
N ILE A 322 -11.04 8.06 -12.73
CA ILE A 322 -9.97 9.02 -12.47
C ILE A 322 -10.62 10.16 -11.72
N GLY A 323 -10.12 10.47 -10.54
CA GLY A 323 -10.76 11.55 -9.82
C GLY A 323 -9.85 12.18 -8.79
N CYS A 324 -10.38 13.21 -8.15
CA CYS A 324 -9.64 13.91 -7.11
C CYS A 324 -10.65 14.62 -6.23
N SER A 325 -10.22 14.97 -5.03
CA SER A 325 -11.09 15.62 -4.09
C SER A 325 -10.29 16.48 -3.13
N LYS A 326 -11.00 17.16 -2.24
CA LYS A 326 -10.34 17.98 -1.24
C LYS A 326 -11.31 18.17 -0.09
N ASN A 327 -10.75 18.25 1.11
CA ASN A 327 -11.50 18.41 2.35
C ASN A 327 -11.29 19.79 2.95
N PHE A 328 -12.34 20.34 3.55
CA PHE A 328 -12.31 21.66 4.18
C PHE A 328 -12.93 21.50 5.56
N PRO A 329 -12.13 21.13 6.56
CA PRO A 329 -12.66 20.94 7.91
C PRO A 329 -12.85 22.21 8.72
N GLY A 330 -13.86 22.17 9.59
CA GLY A 330 -14.20 23.24 10.51
C GLY A 330 -14.35 24.63 9.95
N LYS A 331 -13.50 25.54 10.43
CA LYS A 331 -13.50 26.93 9.97
C LYS A 331 -13.41 27.01 8.45
N THR A 332 -12.51 26.22 7.88
CA THR A 332 -12.25 26.23 6.44
C THR A 332 -13.48 25.86 5.60
N ALA A 333 -14.51 25.26 6.21
CA ALA A 333 -15.72 24.87 5.49
C ALA A 333 -16.13 25.96 4.50
N LEU A 334 -16.44 25.54 3.28
CA LEU A 334 -16.81 26.45 2.20
C LEU A 334 -18.18 27.04 2.47
N ALA A 335 -18.23 28.34 2.73
CA ALA A 335 -19.48 29.04 3.04
C ALA A 335 -20.02 29.91 1.92
N THR A 336 -19.17 30.59 1.15
CA THR A 336 -19.69 31.45 0.11
C THR A 336 -19.75 30.73 -1.24
N ARG A 337 -20.49 31.34 -2.17
CA ARG A 337 -20.62 30.80 -3.52
C ARG A 337 -19.30 30.88 -4.27
N GLU A 338 -18.56 31.97 -4.06
CA GLU A 338 -17.27 32.17 -4.70
C GLU A 338 -16.32 31.03 -4.36
N GLN A 339 -16.27 30.65 -3.09
CA GLN A 339 -15.39 29.57 -2.66
C GLN A 339 -15.73 28.27 -3.38
N VAL A 340 -17.00 27.88 -3.38
CA VAL A 340 -17.37 26.60 -4.00
C VAL A 340 -17.08 26.64 -5.50
N GLN A 341 -17.32 27.77 -6.16
CA GLN A 341 -17.05 27.88 -7.59
C GLN A 341 -15.55 27.74 -7.85
N TRP A 342 -14.74 28.44 -7.05
CA TRP A 342 -13.29 28.41 -7.21
C TRP A 342 -12.72 27.02 -6.98
N TRP A 343 -13.14 26.36 -5.90
CA TRP A 343 -12.61 25.02 -5.64
C TRP A 343 -13.08 24.01 -6.67
N LEU A 344 -14.28 24.17 -7.21
CA LEU A 344 -14.70 23.25 -8.25
C LEU A 344 -13.81 23.45 -9.46
N LEU A 345 -13.49 24.70 -9.77
CA LEU A 345 -12.62 25.02 -10.90
C LEU A 345 -11.23 24.43 -10.70
N GLN A 346 -10.66 24.58 -9.50
CA GLN A 346 -9.33 24.02 -9.20
C GLN A 346 -9.34 22.51 -9.40
N LEU A 347 -10.37 21.85 -8.90
CA LEU A 347 -10.48 20.40 -9.04
C LEU A 347 -10.59 20.04 -10.51
N ALA A 348 -11.43 20.74 -11.26
CA ALA A 348 -11.59 20.44 -12.68
C ALA A 348 -10.30 20.65 -13.45
N GLN A 349 -9.44 21.59 -13.01
CA GLN A 349 -8.17 21.80 -13.72
C GLN A 349 -7.23 20.63 -13.48
N GLU A 350 -7.21 20.12 -12.25
CA GLU A 350 -6.38 18.94 -11.97
C GLU A 350 -6.92 17.74 -12.76
N LEU A 351 -8.24 17.60 -12.77
CA LEU A 351 -8.90 16.53 -13.49
C LEU A 351 -8.54 16.58 -14.97
N GLU A 352 -8.65 17.77 -15.57
CA GLU A 352 -8.32 17.92 -16.97
C GLU A 352 -6.88 17.47 -17.21
N GLU A 353 -5.95 17.90 -16.36
CA GLU A 353 -4.55 17.49 -16.54
C GLU A 353 -4.44 15.97 -16.58
N ARG A 354 -5.09 15.30 -15.63
CA ARG A 354 -5.01 13.84 -15.58
C ARG A 354 -5.77 13.19 -16.72
N LEU A 355 -6.96 13.67 -17.03
CA LEU A 355 -7.73 13.10 -18.14
C LEU A 355 -6.97 13.24 -19.45
N THR A 356 -6.28 14.38 -19.64
CA THR A 356 -5.51 14.60 -20.85
C THR A 356 -4.38 13.58 -20.95
N LYS A 357 -3.60 13.42 -19.88
CA LYS A 357 -2.54 12.42 -19.94
C LYS A 357 -3.12 11.04 -20.17
N ASP A 358 -4.23 10.73 -19.49
CA ASP A 358 -4.90 9.44 -19.62
C ASP A 358 -5.28 9.18 -21.07
N ARG A 359 -5.87 10.18 -21.73
CA ARG A 359 -6.29 10.04 -23.13
C ARG A 359 -5.09 9.90 -24.05
N ASN A 360 -3.99 10.58 -23.73
CA ASN A 360 -2.78 10.50 -24.54
C ASN A 360 -2.17 9.10 -24.47
N ASP A 361 -2.09 8.56 -23.25
CA ASP A 361 -1.48 7.24 -22.99
C ASP A 361 -2.38 6.05 -23.35
N ASN A 362 -3.69 6.12 -23.13
CA ASN A 362 -4.54 4.96 -23.36
C ASN A 362 -5.63 5.10 -24.44
N ASP A 363 -5.67 6.17 -25.23
CA ASP A 363 -6.68 6.32 -26.30
C ASP A 363 -8.13 6.06 -25.89
N ARG A 364 -8.51 6.61 -24.74
CA ARG A 364 -9.89 6.50 -24.31
C ARG A 364 -10.34 7.84 -23.75
N VAL A 365 -11.64 8.06 -23.78
CA VAL A 365 -12.17 9.32 -23.26
C VAL A 365 -13.27 8.96 -22.27
N ALA A 366 -13.27 9.68 -21.17
CA ALA A 366 -14.27 9.53 -20.13
C ALA A 366 -15.53 10.22 -20.60
N THR A 367 -16.68 9.59 -20.37
CA THR A 367 -17.93 10.18 -20.85
C THR A 367 -18.81 10.66 -19.71
N GLN A 368 -18.41 10.44 -18.46
CA GLN A 368 -19.24 10.86 -17.34
C GLN A 368 -18.45 11.52 -16.22
N LEU A 369 -19.07 12.53 -15.61
CA LEU A 369 -18.49 13.28 -14.50
C LEU A 369 -19.39 13.08 -13.29
N VAL A 370 -18.80 12.59 -12.19
CA VAL A 370 -19.52 12.37 -10.94
C VAL A 370 -19.09 13.45 -9.97
N VAL A 371 -20.06 14.09 -9.32
CA VAL A 371 -19.81 15.14 -8.35
C VAL A 371 -20.30 14.67 -6.99
N SER A 372 -19.48 14.83 -5.97
CA SER A 372 -19.81 14.43 -4.62
C SER A 372 -19.42 15.54 -3.66
N ILE A 373 -20.20 15.72 -2.61
CA ILE A 373 -19.91 16.75 -1.62
C ILE A 373 -20.22 16.20 -0.24
N ARG A 374 -19.80 16.95 0.77
CA ARG A 374 -20.06 16.61 2.16
C ARG A 374 -20.43 17.89 2.88
N VAL A 375 -21.55 17.88 3.58
CA VAL A 375 -22.01 19.06 4.29
C VAL A 375 -21.58 19.02 5.75
N GLN A 376 -21.17 20.19 6.28
CA GLN A 376 -20.74 20.30 7.67
C GLN A 376 -21.79 19.74 8.63
N GLY A 377 -21.35 18.92 9.57
CA GLY A 377 -22.24 18.34 10.55
C GLY A 377 -22.66 16.93 10.25
N ASP A 378 -22.42 16.46 9.03
CA ASP A 378 -22.80 15.11 8.62
C ASP A 378 -21.64 14.16 8.87
N LYS A 379 -21.91 13.09 9.60
CA LYS A 379 -20.87 12.12 9.92
C LYS A 379 -20.51 11.28 8.70
N ARG A 380 -21.45 11.05 7.78
CA ARG A 380 -21.17 10.24 6.60
C ARG A 380 -20.07 10.84 5.74
N LEU A 381 -19.42 9.97 4.97
CA LEU A 381 -18.33 10.37 4.09
C LEU A 381 -18.79 11.39 3.05
N SER A 382 -19.95 11.17 2.46
CA SER A 382 -20.51 12.04 1.43
C SER A 382 -21.97 12.34 1.73
N SER A 383 -22.35 13.60 1.50
CA SER A 383 -23.73 13.99 1.74
C SER A 383 -24.58 13.55 0.56
N LEU A 384 -24.03 13.62 -0.65
CA LEU A 384 -24.75 13.22 -1.84
C LEU A 384 -23.75 13.12 -2.98
N ARG A 385 -24.20 12.51 -4.06
CA ARG A 385 -23.37 12.36 -5.23
C ARG A 385 -24.32 12.42 -6.41
N ARG A 386 -23.91 13.14 -7.43
CA ARG A 386 -24.70 13.30 -8.63
C ARG A 386 -23.74 13.16 -9.79
N CYS A 387 -24.30 13.09 -10.99
CA CYS A 387 -23.49 12.93 -12.18
C CYS A 387 -24.08 13.70 -13.35
N CYS A 388 -23.27 13.84 -14.39
CA CYS A 388 -23.68 14.51 -15.62
C CYS A 388 -22.72 14.09 -16.74
N ALA A 389 -23.13 14.38 -17.98
CA ALA A 389 -22.26 14.01 -19.11
C ALA A 389 -20.97 14.81 -19.07
N LEU A 390 -19.86 14.19 -19.45
CA LEU A 390 -18.60 14.93 -19.48
C LEU A 390 -18.18 14.80 -20.95
N THR A 391 -18.66 15.73 -21.79
CA THR A 391 -18.44 15.75 -23.24
C THR A 391 -17.08 16.29 -23.68
N ARG A 392 -16.65 17.39 -23.10
CA ARG A 392 -15.40 18.06 -23.43
C ARG A 392 -14.42 18.12 -22.27
N TYR A 393 -13.14 17.88 -22.58
CA TYR A 393 -12.07 17.94 -21.59
C TYR A 393 -11.68 19.38 -21.33
N ASP A 394 -12.66 20.17 -20.90
CA ASP A 394 -12.38 21.57 -20.61
C ASP A 394 -12.72 21.82 -19.14
N ALA A 395 -11.68 22.16 -18.36
CA ALA A 395 -11.84 22.40 -16.91
C ALA A 395 -12.93 23.42 -16.59
N HIS A 396 -13.03 24.47 -17.38
CA HIS A 396 -14.03 25.50 -17.13
C HIS A 396 -15.45 24.93 -17.29
N LYS A 397 -15.67 24.19 -18.39
CA LYS A 397 -16.98 23.59 -18.64
C LYS A 397 -17.34 22.61 -17.53
N MET A 398 -16.41 21.71 -17.20
CA MET A 398 -16.66 20.75 -16.13
C MET A 398 -17.01 21.47 -14.83
N SER A 399 -16.30 22.56 -14.53
CA SER A 399 -16.57 23.29 -13.30
C SER A 399 -17.99 23.84 -13.29
N HIS A 400 -18.47 24.34 -14.44
CA HIS A 400 -19.83 24.87 -14.45
C HIS A 400 -20.87 23.75 -14.38
N ASP A 401 -20.58 22.60 -14.99
CA ASP A 401 -21.52 21.50 -14.93
C ASP A 401 -21.64 20.97 -13.50
N ALA A 402 -20.49 20.79 -12.82
CA ALA A 402 -20.53 20.31 -11.45
C ALA A 402 -21.27 21.30 -10.58
N PHE A 403 -21.03 22.59 -10.80
CA PHE A 403 -21.72 23.58 -10.00
C PHE A 403 -23.21 23.52 -10.22
N THR A 404 -23.63 23.29 -11.46
CA THR A 404 -25.06 23.23 -11.73
C THR A 404 -25.71 22.08 -10.98
N VAL A 405 -25.04 20.94 -10.90
CA VAL A 405 -25.71 19.86 -10.16
C VAL A 405 -25.69 20.10 -8.65
N ILE A 406 -24.62 20.70 -8.11
CA ILE A 406 -24.54 20.98 -6.66
C ILE A 406 -25.29 22.22 -6.19
N LYS A 407 -25.64 23.14 -7.08
CA LYS A 407 -26.32 24.38 -6.72
C LYS A 407 -27.70 24.15 -6.13
N ASN A 408 -28.43 23.15 -6.60
CA ASN A 408 -29.76 22.90 -6.06
C ASN A 408 -29.70 22.60 -4.56
N CYS A 409 -28.61 21.96 -4.11
CA CYS A 409 -28.47 21.58 -2.71
C CYS A 409 -28.55 22.78 -1.77
N ASN A 410 -27.88 23.88 -2.12
CA ASN A 410 -27.86 25.11 -1.32
C ASN A 410 -29.22 25.45 -0.74
N THR A 411 -29.38 25.25 0.58
CA THR A 411 -30.68 25.48 1.22
C THR A 411 -30.95 26.96 1.50
N SER A 412 -29.91 27.79 1.60
CA SER A 412 -30.10 29.21 1.87
C SER A 412 -30.80 29.86 0.69
N GLY A 413 -32.09 30.20 0.87
CA GLY A 413 -32.80 31.00 -0.12
C GLY A 413 -32.26 32.40 -0.28
N ILE A 414 -31.30 32.79 0.57
CA ILE A 414 -30.61 34.07 0.39
C ILE A 414 -29.89 34.10 -0.96
N GLN A 415 -29.11 33.05 -1.26
CA GLN A 415 -28.35 32.88 -2.51
C GLN A 415 -26.99 33.58 -2.46
N THR A 416 -26.77 34.31 -1.36
CA THR A 416 -25.55 35.04 -1.06
C THR A 416 -24.54 34.13 -0.37
N GLU A 417 -24.99 32.98 0.14
CA GLU A 417 -24.03 32.10 0.79
C GLU A 417 -24.48 30.64 0.66
N TRP A 418 -23.73 29.77 1.30
CA TRP A 418 -23.97 28.34 1.30
C TRP A 418 -24.46 27.94 2.68
N SER A 419 -25.63 27.35 2.74
CA SER A 419 -26.14 26.99 4.01
C SER A 419 -26.85 25.66 3.85
N PRO A 420 -26.33 24.59 4.49
CA PRO A 420 -25.11 24.46 5.32
C PRO A 420 -23.77 24.49 4.53
N PRO A 421 -22.61 24.73 5.17
CA PRO A 421 -21.36 24.73 4.40
C PRO A 421 -20.94 23.34 3.93
N LEU A 422 -20.03 23.32 2.95
CA LEU A 422 -19.48 22.09 2.40
C LEU A 422 -18.13 21.77 3.04
N THR A 423 -17.93 20.52 3.45
CA THR A 423 -16.65 20.13 4.02
C THR A 423 -15.85 19.23 3.09
N MET A 424 -16.35 18.97 1.88
CA MET A 424 -15.64 18.11 0.94
C MET A 424 -16.17 18.28 -0.47
N LEU A 425 -15.26 18.28 -1.43
CA LEU A 425 -15.63 18.38 -2.84
C LEU A 425 -14.90 17.24 -3.52
N PHE A 426 -15.59 16.53 -4.40
CA PHE A 426 -14.98 15.39 -5.06
C PHE A 426 -15.45 15.39 -6.50
N LEU A 427 -14.52 15.23 -7.43
CA LEU A 427 -14.86 15.17 -8.85
C LEU A 427 -14.26 13.89 -9.41
N CYS A 428 -15.04 13.21 -10.26
CA CYS A 428 -14.59 11.95 -10.80
C CYS A 428 -15.11 11.67 -12.20
N ALA A 429 -14.20 11.23 -13.08
CA ALA A 429 -14.49 10.86 -14.45
C ALA A 429 -14.49 9.34 -14.50
N THR A 430 -15.52 8.78 -15.10
CA THR A 430 -15.69 7.34 -15.22
C THR A 430 -16.39 7.00 -16.54
N LYS A 431 -16.88 5.77 -16.62
CA LYS A 431 -17.55 5.24 -17.80
C LYS A 431 -16.62 5.44 -19.00
N PHE A 432 -15.40 4.91 -18.87
CA PHE A 432 -14.32 5.00 -19.88
C PHE A 432 -14.59 4.20 -21.16
N SER A 433 -14.02 4.73 -22.25
CA SER A 433 -14.10 4.19 -23.60
C SER A 433 -13.10 4.82 -24.57
P 02I C 1 -9.83 14.61 5.77
N1 02I C 1 -6.58 8.49 5.58
C2 02I C 1 -5.72 8.83 4.61
N3 02I C 1 -5.43 10.03 4.12
C4 02I C 1 -6.16 10.97 4.75
C5 02I C 1 -7.08 10.80 5.75
C6 02I C 1 -7.30 9.47 6.19
N6 02I C 1 -8.16 9.13 7.15
N7 02I C 1 -7.63 11.99 6.16
C8 02I C 1 -7.04 12.87 5.40
N9 02I C 1 -6.15 12.33 4.52
C1' 02I C 1 -5.37 13.16 3.60
C2' 02I C 1 -6.26 13.77 2.53
OP2 02I C 1 -10.24 15.99 6.25
C3' 02I C 1 -6.53 15.20 3.05
O3' 02I C 1 -5.80 16.14 2.30
C4' 02I C 1 -6.14 15.06 4.52
O4' 02I C 1 -4.96 14.22 4.44
C5' 02I C 1 -7.23 14.39 5.38
O5' 02I C 1 -8.49 14.71 4.82
OP1 02I C 1 -9.56 13.71 6.96
NI NI D . -17.18 30.54 -15.87
N1 DZ4 E . -0.32 10.78 3.72
C2 DZ4 E . 0.52 11.01 2.73
N3 DZ4 E . 1.59 10.34 2.38
C4 DZ4 E . 1.88 9.26 3.14
C5 DZ4 E . 1.04 8.94 4.22
C6 DZ4 E . -0.06 9.72 4.49
N6 DZ4 E . -0.87 9.43 5.52
N7 DZ4 E . 1.55 7.84 4.81
C8 DZ4 E . 2.66 7.46 4.13
N9 DZ4 E . 2.85 8.34 3.12
PA DZ4 E . 5.16 3.20 3.76
PB DZ4 E . 7.83 4.03 4.21
PG DZ4 E . 8.81 1.55 5.40
C1' DZ4 E . 3.98 8.06 2.33
O1A DZ4 E . 5.72 2.12 2.95
O1B DZ4 E . 7.89 3.70 2.80
O1G DZ4 E . 9.13 0.76 4.22
C2' DZ4 E . 5.25 8.22 3.17
O2A DZ4 E . 3.97 2.65 4.60
O2B DZ4 E . 8.20 5.49 4.42
O2G DZ4 E . 9.81 1.28 6.47
C3' DZ4 E . 6.14 7.07 2.72
O3' DZ4 E . 7.36 7.58 2.16
N3A DZ4 E . 6.30 3.78 4.77
O3B DZ4 E . 8.83 3.10 5.02
O3G DZ4 E . 7.42 1.17 5.90
C4' DZ4 E . 5.34 6.33 1.66
O4' DZ4 E . 3.96 6.72 1.89
C5' DZ4 E . 5.50 4.81 1.82
O5' DZ4 E . 4.66 4.35 2.83
MN MN F . 7.67 1.76 2.35
MN MN G . 4.51 0.83 1.66
#